data_2HB9
#
_entry.id   2HB9
#
_cell.length_a   104.090
_cell.length_b   104.090
_cell.length_c   98.210
_cell.angle_alpha   90.00
_cell.angle_beta   90.00
_cell.angle_gamma   120.00
#
_symmetry.space_group_name_H-M   'P 64 2 2'
#
loop_
_entity.id
_entity.type
_entity.pdbx_description
1 polymer 'Metallo-beta-lactamase L1'
2 non-polymer 'ZINC ION'
3 non-polymer 'SULFATE ION'
4 non-polymer 4-AMINO-5-(2-METHYLPHENYL)-2,4-DIHYDRO-3H-1,2,4-TRIAZOLE-3-THIONE
5 water water
#
_entity_poly.entity_id   1
_entity_poly.type   'polypeptide(L)'
_entity_poly.pdbx_seq_one_letter_code
;AEVPLPQLRAYTVDASWLQPMAPLQIADHTWQIGTEDLTALLVQTPDGAVLLDGGMPQMASHLLDNMKARGVTPRDLRLI
LLSHAHADHAGPVAELKRRTGAKVAANAESAVLLARGGSDDLHFGDGITYPPANADRIVMDGEVITVGGIVFTAHFMAGH
TPGSTAWTWTDTRNGKPVRIAYADSLSAPGYQLQGNPRYPHLIEDYRRSFATVRALPCDVLLTPHPGASNWDYAAGARAG
AKALTCKAYADAAEQKFDGQLAKETAGAR
;
_entity_poly.pdbx_strand_id   A
#
loop_
_chem_comp.id
_chem_comp.type
_chem_comp.name
_chem_comp.formula
L13 non-polymer 4-AMINO-5-(2-METHYLPHENYL)-2,4-DIHYDRO-3H-1,2,4-TRIAZOLE-3-THIONE 'C9 H10 N4 S'
SO4 non-polymer 'SULFATE ION' 'O4 S -2'
ZN non-polymer 'ZINC ION' 'Zn 2'
#
# COMPACT_ATOMS: atom_id res chain seq x y z
N GLU A 2 29.27 -5.94 33.40
CA GLU A 2 28.16 -6.82 32.96
C GLU A 2 27.29 -6.13 31.92
N VAL A 3 26.76 -6.92 30.98
CA VAL A 3 26.16 -6.39 29.76
C VAL A 3 24.68 -6.73 29.71
N PRO A 4 23.81 -5.70 29.83
CA PRO A 4 22.37 -5.98 29.77
C PRO A 4 21.93 -6.34 28.37
N LEU A 5 20.79 -7.01 28.26
CA LEU A 5 20.13 -7.15 26.95
C LEU A 5 19.93 -5.77 26.32
N PRO A 6 19.94 -5.70 24.97
CA PRO A 6 19.81 -4.38 24.33
C PRO A 6 18.43 -3.77 24.53
N GLN A 7 18.37 -2.43 24.53
CA GLN A 7 17.09 -1.74 24.55
C GLN A 7 16.36 -2.03 23.26
N LEU A 8 15.02 -2.00 23.30
CA LEU A 8 14.26 -2.11 22.07
C LEU A 8 14.59 -0.91 21.18
N ARG A 9 14.62 -1.15 19.88
CA ARG A 9 14.92 -0.09 18.92
C ARG A 9 13.72 0.11 18.02
N ALA A 10 13.22 1.34 17.99
CA ALA A 10 12.16 1.69 17.05
C ALA A 10 12.74 1.82 15.65
N TYR A 11 11.97 1.36 14.67
CA TYR A 11 12.35 1.54 13.27
C TYR A 11 12.19 3.02 12.91
N THR A 12 13.30 3.60 12.46
CA THR A 12 13.28 4.98 11.95
C THR A 12 13.21 4.96 10.43
N VAL A 13 12.67 6.03 9.86
CA VAL A 13 12.50 6.14 8.42
C VAL A 13 12.99 7.51 7.96
N ASP A 14 13.22 7.66 6.67
CA ASP A 14 13.59 8.95 6.11
C ASP A 14 12.55 9.98 6.49
N ALA A 15 13.01 11.19 6.81
CA ALA A 15 12.10 12.30 7.14
C ALA A 15 10.97 12.49 6.13
N SER A 16 11.28 12.35 4.82
CA SER A 16 10.25 12.58 3.79
C SER A 16 9.05 11.64 3.93
N TRP A 17 9.28 10.46 4.48
CA TRP A 17 8.21 9.48 4.66
C TRP A 17 7.23 10.01 5.70
N LEU A 18 7.72 10.93 6.53
CA LEU A 18 6.94 11.45 7.66
C LEU A 18 6.54 12.90 7.46
N GLN A 19 6.76 13.42 6.25
CA GLN A 19 6.52 14.83 5.96
C GLN A 19 5.10 15.08 5.48
N PRO A 20 4.26 15.71 6.32
CA PRO A 20 2.87 15.97 5.91
C PRO A 20 2.80 16.81 4.65
N MET A 21 1.81 16.48 3.82
CA MET A 21 1.48 17.30 2.64
C MET A 21 -0.02 17.49 2.61
N ALA A 22 -0.46 18.59 2.02
CA ALA A 22 -1.87 18.81 1.72
C ALA A 22 -2.38 17.82 0.68
N PRO A 23 -3.72 17.63 0.60
CA PRO A 23 -4.27 16.74 -0.41
C PRO A 23 -3.85 17.09 -1.83
N LEU A 24 -3.44 16.07 -2.58
CA LEU A 24 -3.04 16.20 -3.98
C LEU A 24 -4.01 15.40 -4.84
N GLN A 25 -4.73 16.08 -5.73
CA GLN A 25 -5.72 15.41 -6.55
C GLN A 25 -5.09 14.59 -7.68
N ILE A 26 -5.53 13.34 -7.79
CA ILE A 26 -5.06 12.40 -8.82
C ILE A 26 -6.11 12.26 -9.91
N ALA A 27 -7.37 12.19 -9.53
CA ALA A 27 -8.45 12.12 -10.50
C ALA A 27 -9.67 12.71 -9.85
N ASP A 28 -10.83 12.64 -10.51
CA ASP A 28 -11.98 13.40 -10.02
C ASP A 28 -12.36 13.10 -8.57
N HIS A 29 -12.26 11.83 -8.16
N HIS A 29 -12.20 11.86 -8.13
CA HIS A 29 -12.64 11.34 -6.81
CA HIS A 29 -12.55 11.55 -6.76
C HIS A 29 -11.44 11.00 -5.91
C HIS A 29 -11.48 10.76 -6.04
N THR A 30 -10.25 10.95 -6.49
CA THR A 30 -9.09 10.28 -5.89
C THR A 30 -8.01 11.28 -5.52
N TRP A 31 -7.63 11.27 -4.24
CA TRP A 31 -6.62 12.19 -3.72
C TRP A 31 -5.52 11.47 -2.96
N GLN A 32 -4.28 11.92 -3.13
CA GLN A 32 -3.18 11.56 -2.23
C GLN A 32 -3.28 12.46 -1.00
N ILE A 33 -3.40 11.85 0.18
CA ILE A 33 -3.54 12.60 1.45
C ILE A 33 -2.52 12.18 2.50
N GLY A 34 -1.52 11.41 2.08
CA GLY A 34 -0.51 10.95 3.01
C GLY A 34 0.61 11.94 3.17
N THR A 35 1.83 11.40 3.15
CA THR A 35 2.99 12.23 3.31
C THR A 35 3.66 12.40 1.95
N GLU A 36 5.00 13.31 1.94
CA GLU A 36 5.69 13.43 0.67
C GLU A 36 6.02 12.05 0.08
N ASP A 37 6.41 11.11 0.94
CA ASP A 37 6.94 9.82 0.46
C ASP A 37 6.19 8.56 0.90
N LEU A 38 5.00 8.71 1.50
CA LEU A 38 4.11 7.55 1.72
C LEU A 38 2.71 7.85 1.19
N THR A 39 2.24 6.97 0.32
CA THR A 39 0.93 7.09 -0.29
C THR A 39 -0.17 6.76 0.70
N ALA A 40 -1.21 7.58 0.71
CA ALA A 40 -2.46 7.22 1.36
C ALA A 40 -3.54 7.82 0.49
N LEU A 41 -4.28 6.96 -0.20
CA LEU A 41 -5.25 7.41 -1.19
C LEU A 41 -6.64 7.52 -0.62
N LEU A 42 -7.22 8.71 -0.77
CA LEU A 42 -8.59 8.92 -0.37
C LEU A 42 -9.47 8.94 -1.62
N VAL A 43 -10.47 8.06 -1.66
CA VAL A 43 -11.43 8.02 -2.76
C VAL A 43 -12.79 8.43 -2.19
N GLN A 44 -13.33 9.54 -2.71
CA GLN A 44 -14.55 10.14 -2.16
C GLN A 44 -15.73 9.84 -3.06
N THR A 45 -16.79 9.29 -2.47
CA THR A 45 -17.94 8.83 -3.23
C THR A 45 -19.18 9.50 -2.67
N PRO A 46 -20.32 9.42 -3.40
CA PRO A 46 -21.57 9.99 -2.88
C PRO A 46 -22.06 9.27 -1.62
N ASP A 47 -21.43 8.14 -1.28
CA ASP A 47 -21.81 7.31 -0.15
C ASP A 47 -20.69 7.07 0.84
N GLY A 48 -19.80 8.05 1.00
CA GLY A 48 -18.73 7.90 1.95
C GLY A 48 -17.41 7.66 1.25
N ALA A 49 -16.36 7.58 2.05
CA ALA A 49 -15.03 7.60 1.50
C ALA A 49 -14.30 6.29 1.76
N VAL A 50 -13.35 6.00 0.89
CA VAL A 50 -12.46 4.84 1.01
C VAL A 50 -11.04 5.35 1.20
N LEU A 51 -10.31 4.72 2.12
CA LEU A 51 -8.89 4.99 2.25
C LEU A 51 -8.07 3.79 1.82
N LEU A 52 -7.13 3.99 0.89
CA LEU A 52 -6.18 2.92 0.51
C LEU A 52 -4.82 3.25 1.11
N ASP A 53 -4.45 2.47 2.14
CA ASP A 53 -3.25 2.66 2.97
C ASP A 53 -3.31 3.87 3.89
N GLY A 54 -2.58 3.79 5.01
CA GLY A 54 -2.49 4.88 5.95
C GLY A 54 -1.05 5.33 6.21
N GLY A 55 -0.08 4.59 5.71
CA GLY A 55 1.33 4.93 5.95
C GLY A 55 1.82 4.42 7.30
N MET A 56 2.64 5.23 7.95
CA MET A 56 3.25 4.92 9.23
C MET A 56 2.25 5.11 10.36
N PRO A 57 2.60 4.44 11.71
CA PRO A 57 1.61 4.53 12.79
C PRO A 57 1.32 5.98 13.20
N GLN A 58 2.31 6.87 13.08
CA GLN A 58 2.12 8.23 13.60
C GLN A 58 1.32 9.17 12.66
N MET A 59 0.85 8.65 11.53
CA MET A 59 0.14 9.47 10.53
C MET A 59 -1.37 9.57 10.72
N ALA A 60 -1.94 8.92 11.74
CA ALA A 60 -3.41 8.90 11.86
C ALA A 60 -4.05 10.30 11.88
N SER A 61 -3.55 11.16 12.78
CA SER A 61 -4.13 12.49 12.94
C SER A 61 -4.01 13.33 11.67
N HIS A 62 -2.85 13.21 11.00
CA HIS A 62 -2.62 13.93 9.75
C HIS A 62 -3.65 13.47 8.71
N LEU A 63 -3.83 12.15 8.58
CA LEU A 63 -4.82 11.62 7.66
C LEU A 63 -6.20 12.18 7.93
N LEU A 64 -6.57 12.23 9.21
CA LEU A 64 -7.89 12.71 9.61
C LEU A 64 -8.06 14.19 9.29
N ASP A 65 -6.98 14.94 9.44
CA ASP A 65 -7.01 16.39 9.14
C ASP A 65 -7.17 16.60 7.64
N ASN A 66 -6.45 15.82 6.82
CA ASN A 66 -6.62 15.90 5.37
C ASN A 66 -7.98 15.46 4.93
N MET A 67 -8.51 14.40 5.55
CA MET A 67 -9.88 13.99 5.26
C MET A 67 -10.87 15.14 5.54
N LYS A 68 -10.70 15.81 6.69
CA LYS A 68 -11.57 16.94 7.06
C LYS A 68 -11.48 18.06 6.00
N ALA A 69 -10.26 18.34 5.55
CA ALA A 69 -10.02 19.36 4.51
C ALA A 69 -10.72 19.02 3.21
N ARG A 70 -10.90 17.71 2.95
CA ARG A 70 -11.59 17.23 1.77
C ARG A 70 -13.11 17.11 1.95
N GLY A 71 -13.58 17.37 3.18
CA GLY A 71 -15.00 17.31 3.50
C GLY A 71 -15.47 15.95 3.99
N VAL A 72 -14.52 15.10 4.35
CA VAL A 72 -14.82 13.75 4.85
C VAL A 72 -14.66 13.78 6.37
N THR A 73 -15.75 13.67 7.09
CA THR A 73 -15.72 13.57 8.56
C THR A 73 -15.38 12.11 8.95
N PRO A 74 -14.92 11.90 10.19
CA PRO A 74 -14.65 10.53 10.65
C PRO A 74 -15.81 9.54 10.39
N ARG A 75 -17.05 9.96 10.63
CA ARG A 75 -18.22 9.13 10.32
C ARG A 75 -18.28 8.68 8.86
N ASP A 76 -17.77 9.53 7.96
CA ASP A 76 -17.90 9.36 6.50
C ASP A 76 -16.89 8.35 5.94
N LEU A 77 -15.86 8.02 6.71
CA LEU A 77 -14.86 7.07 6.20
C LEU A 77 -15.40 5.65 6.39
N ARG A 78 -15.69 4.97 5.29
CA ARG A 78 -16.42 3.71 5.34
C ARG A 78 -15.51 2.51 5.29
N LEU A 79 -14.43 2.63 4.52
CA LEU A 79 -13.64 1.45 4.14
C LEU A 79 -12.16 1.79 4.10
N ILE A 80 -11.36 0.85 4.62
CA ILE A 80 -9.89 0.90 4.51
C ILE A 80 -9.45 -0.35 3.73
N LEU A 81 -8.66 -0.12 2.69
CA LEU A 81 -8.02 -1.18 1.92
C LEU A 81 -6.52 -1.01 2.06
N LEU A 82 -5.79 -2.10 1.84
CA LEU A 82 -4.35 -2.07 2.06
C LEU A 82 -3.55 -2.67 0.92
N SER A 83 -2.40 -2.09 0.63
CA SER A 83 -1.47 -2.69 -0.31
C SER A 83 -0.82 -3.93 0.36
N HIS A 84 -0.18 -3.68 1.50
CA HIS A 84 0.32 -4.76 2.35
C HIS A 84 0.41 -4.35 3.78
N ALA A 85 0.37 -5.37 4.64
CA ALA A 85 0.24 -5.13 6.08
C ALA A 85 1.59 -5.01 6.82
N HIS A 86 2.43 -4.11 6.31
CA HIS A 86 3.61 -3.71 7.05
C HIS A 86 3.42 -2.35 7.70
N ALA A 87 4.26 -2.07 8.69
CA ALA A 87 4.15 -0.89 9.52
C ALA A 87 4.11 0.42 8.76
N ASP A 88 4.82 0.50 7.64
CA ASP A 88 4.88 1.75 6.89
C ASP A 88 3.72 1.96 5.91
N HIS A 89 2.75 1.02 5.90
CA HIS A 89 1.53 1.20 5.11
C HIS A 89 0.25 0.97 5.87
N ALA A 90 0.27 0.02 6.80
CA ALA A 90 -0.88 -0.25 7.66
C ALA A 90 -0.70 0.32 9.07
N GLY A 91 0.39 1.04 9.30
CA GLY A 91 0.70 1.55 10.64
C GLY A 91 -0.45 2.11 11.47
N PRO A 92 -1.24 3.04 10.90
CA PRO A 92 -2.28 3.71 11.69
C PRO A 92 -3.68 3.07 11.59
N VAL A 93 -3.78 1.90 10.99
CA VAL A 93 -5.09 1.30 10.74
C VAL A 93 -5.92 1.04 12.00
N ALA A 94 -5.29 0.47 13.02
CA ALA A 94 -6.02 0.25 14.29
C ALA A 94 -6.60 1.56 14.84
N GLU A 95 -5.78 2.62 14.83
CA GLU A 95 -6.20 3.92 15.38
C GLU A 95 -7.30 4.54 14.51
N LEU A 96 -7.15 4.45 13.20
CA LEU A 96 -8.19 4.92 12.28
C LEU A 96 -9.53 4.23 12.51
N LYS A 97 -9.51 2.90 12.72
CA LYS A 97 -10.73 2.19 13.04
C LYS A 97 -11.38 2.69 14.33
N ARG A 98 -10.59 2.97 15.36
CA ARG A 98 -11.13 3.49 16.63
C ARG A 98 -11.75 4.87 16.44
N ARG A 99 -11.12 5.68 15.60
CA ARG A 99 -11.46 7.11 15.50
C ARG A 99 -12.42 7.48 14.35
N THR A 100 -12.82 6.48 13.57
CA THR A 100 -13.71 6.71 12.41
C THR A 100 -14.72 5.59 12.26
N GLY A 101 -15.60 5.73 11.27
CA GLY A 101 -16.51 4.65 10.94
C GLY A 101 -15.90 3.53 10.11
N ALA A 102 -14.59 3.57 9.88
CA ALA A 102 -13.99 2.70 8.84
C ALA A 102 -13.92 1.22 9.23
N LYS A 103 -14.29 0.39 8.26
CA LYS A 103 -14.07 -1.05 8.35
C LYS A 103 -12.96 -1.43 7.39
N VAL A 104 -12.31 -2.56 7.65
CA VAL A 104 -11.19 -3.02 6.83
C VAL A 104 -11.58 -4.23 6.00
N ALA A 105 -11.21 -4.20 4.73
CA ALA A 105 -11.32 -5.38 3.88
C ALA A 105 -9.92 -5.75 3.43
N ALA A 106 -9.59 -7.03 3.52
CA ALA A 106 -8.26 -7.49 3.16
C ALA A 106 -8.30 -8.98 2.83
N ASN A 107 -7.27 -9.47 2.15
CA ASN A 107 -7.20 -10.92 1.94
C ASN A 107 -6.78 -11.63 3.24
N ALA A 108 -6.89 -12.95 3.26
CA ALA A 108 -6.61 -13.72 4.48
C ALA A 108 -5.17 -13.52 4.95
N GLU A 109 -4.22 -13.52 4.01
CA GLU A 109 -2.81 -13.29 4.39
C GLU A 109 -2.62 -11.92 5.04
N SER A 110 -3.14 -10.88 4.41
CA SER A 110 -3.01 -9.53 4.97
C SER A 110 -3.75 -9.43 6.32
N ALA A 111 -4.92 -10.04 6.42
CA ALA A 111 -5.69 -10.03 7.68
C ALA A 111 -4.90 -10.68 8.82
N VAL A 112 -4.28 -11.84 8.56
CA VAL A 112 -3.48 -12.53 9.60
C VAL A 112 -2.29 -11.68 10.06
N LEU A 113 -1.60 -11.07 9.10
CA LEU A 113 -0.44 -10.23 9.43
C LEU A 113 -0.85 -8.97 10.18
N LEU A 114 -1.96 -8.37 9.74
CA LEU A 114 -2.50 -7.16 10.39
C LEU A 114 -2.92 -7.47 11.83
N ALA A 115 -3.55 -8.62 12.02
CA ALA A 115 -4.07 -9.03 13.35
C ALA A 115 -2.95 -9.30 14.34
N ARG A 116 -1.75 -9.57 13.83
CA ARG A 116 -0.61 -9.72 14.73
C ARG A 116 0.29 -8.48 14.74
N GLY A 117 -0.21 -7.39 14.14
CA GLY A 117 0.53 -6.11 14.15
C GLY A 117 1.92 -6.23 13.51
N GLY A 118 2.04 -7.07 12.48
CA GLY A 118 3.29 -7.24 11.75
C GLY A 118 4.33 -8.05 12.49
N SER A 119 3.95 -8.62 13.64
CA SER A 119 4.92 -9.41 14.41
C SER A 119 5.07 -10.76 13.70
N ASP A 120 6.14 -11.48 14.03
CA ASP A 120 6.44 -12.78 13.38
C ASP A 120 6.36 -12.69 11.85
N ASP A 121 6.96 -11.62 11.34
CA ASP A 121 7.05 -11.40 9.90
C ASP A 121 7.98 -12.47 9.33
N LEU A 122 7.70 -12.91 8.10
CA LEU A 122 8.46 -13.98 7.45
C LEU A 122 9.94 -13.62 7.33
N HIS A 123 10.22 -12.33 7.21
CA HIS A 123 11.57 -11.84 6.94
C HIS A 123 12.09 -10.92 8.04
N PHE A 124 11.19 -10.14 8.65
CA PHE A 124 11.59 -9.08 9.60
C PHE A 124 11.52 -9.56 11.06
N GLY A 125 10.94 -10.74 11.26
CA GLY A 125 10.66 -11.24 12.61
C GLY A 125 9.73 -10.30 13.36
N ASP A 126 10.27 -9.56 14.65
CA ASP A 126 9.45 -8.60 15.39
C ASP A 126 10.09 -7.24 15.26
N GLY A 127 10.89 -7.09 14.21
CA GLY A 127 11.65 -5.88 14.00
C GLY A 127 10.80 -4.67 13.67
N ILE A 128 9.68 -4.93 12.98
CA ILE A 128 8.84 -3.84 12.49
C ILE A 128 7.39 -4.17 12.83
N THR A 129 6.99 -3.83 14.06
CA THR A 129 5.65 -4.08 14.55
C THR A 129 4.84 -2.80 14.62
N TYR A 130 3.51 -2.92 14.69
CA TYR A 130 2.63 -1.76 14.76
C TYR A 130 1.36 -2.27 15.46
N PRO A 131 0.46 -1.37 15.89
CA PRO A 131 -0.77 -1.80 16.56
C PRO A 131 -1.63 -2.76 15.73
N PRO A 132 -1.95 -3.93 16.31
CA PRO A 132 -2.76 -4.83 15.50
C PRO A 132 -4.16 -4.29 15.26
N ALA A 133 -4.78 -4.87 13.99
CA ALA A 133 -6.16 -4.49 13.74
C ALA A 133 -6.82 -5.71 13.16
N ASN A 134 -8.14 -5.78 13.30
CA ASN A 134 -8.93 -6.86 12.72
C ASN A 134 -9.54 -6.43 11.39
N ALA A 135 -9.60 -7.37 10.47
CA ALA A 135 -10.32 -7.20 9.20
C ALA A 135 -11.80 -7.46 9.42
N ASP A 136 -12.63 -6.69 8.72
CA ASP A 136 -14.10 -6.86 8.78
C ASP A 136 -14.67 -7.68 7.64
N ARG A 137 -13.91 -7.78 6.56
CA ARG A 137 -14.31 -8.52 5.40
C ARG A 137 -13.04 -9.13 4.80
N ILE A 138 -13.12 -10.41 4.46
CA ILE A 138 -12.01 -11.07 3.76
C ILE A 138 -12.35 -11.13 2.28
N VAL A 139 -11.40 -10.69 1.44
CA VAL A 139 -11.57 -10.74 -0.01
C VAL A 139 -10.68 -11.80 -0.68
N MET A 140 -11.18 -12.31 -1.79
CA MET A 140 -10.47 -13.30 -2.59
C MET A 140 -9.89 -12.60 -3.80
N ASP A 141 -8.97 -13.27 -4.48
CA ASP A 141 -8.34 -12.70 -5.66
C ASP A 141 -9.41 -12.39 -6.72
N GLY A 142 -9.39 -11.17 -7.24
CA GLY A 142 -10.35 -10.79 -8.29
C GLY A 142 -11.68 -10.31 -7.77
N GLU A 143 -11.88 -10.36 -6.45
CA GLU A 143 -13.12 -9.97 -5.86
C GLU A 143 -13.25 -8.47 -5.89
N VAL A 144 -14.48 -8.00 -6.07
CA VAL A 144 -14.72 -6.56 -6.07
C VAL A 144 -15.42 -6.11 -4.80
N ILE A 145 -15.15 -4.87 -4.44
CA ILE A 145 -15.82 -4.22 -3.34
C ILE A 145 -16.26 -2.84 -3.82
N THR A 146 -17.51 -2.50 -3.51
CA THR A 146 -18.16 -1.31 -4.05
C THR A 146 -18.53 -0.35 -2.92
N VAL A 147 -18.17 0.92 -3.11
CA VAL A 147 -18.57 1.98 -2.17
C VAL A 147 -19.03 3.16 -3.00
N GLY A 148 -20.22 3.68 -2.69
CA GLY A 148 -20.80 4.81 -3.45
C GLY A 148 -20.70 4.62 -4.94
N GLY A 149 -20.91 3.38 -5.39
CA GLY A 149 -20.84 3.03 -6.81
C GLY A 149 -19.47 2.88 -7.43
N ILE A 150 -18.42 3.26 -6.70
CA ILE A 150 -17.06 3.07 -7.17
C ILE A 150 -16.63 1.63 -6.85
N VAL A 151 -16.18 0.92 -7.87
CA VAL A 151 -15.89 -0.52 -7.75
C VAL A 151 -14.38 -0.73 -7.69
N PHE A 152 -13.91 -1.37 -6.61
CA PHE A 152 -12.49 -1.65 -6.45
C PHE A 152 -12.25 -3.15 -6.62
N THR A 153 -11.25 -3.53 -7.41
CA THR A 153 -10.97 -4.94 -7.69
C THR A 153 -9.61 -5.29 -7.07
N ALA A 154 -9.59 -6.39 -6.32
CA ALA A 154 -8.36 -6.90 -5.73
C ALA A 154 -7.62 -7.77 -6.74
N HIS A 155 -6.33 -7.51 -6.92
CA HIS A 155 -5.45 -8.37 -7.71
C HIS A 155 -4.30 -8.82 -6.81
N PHE A 156 -4.32 -10.10 -6.41
CA PHE A 156 -3.28 -10.62 -5.53
C PHE A 156 -1.96 -10.64 -6.28
N MET A 157 -0.85 -10.10 -5.53
CA MET A 157 0.47 -10.06 -6.13
C MET A 157 1.43 -10.39 -5.02
N ALA A 158 1.27 -11.61 -4.52
CA ALA A 158 2.10 -12.15 -3.44
C ALA A 158 3.62 -12.02 -3.71
N GLY A 159 4.36 -11.65 -2.68
CA GLY A 159 5.81 -11.71 -2.73
C GLY A 159 6.38 -10.82 -1.66
N HIS A 160 6.22 -9.52 -1.84
CA HIS A 160 6.70 -8.62 -0.83
C HIS A 160 6.15 -9.00 0.55
N THR A 161 4.85 -9.32 0.57
CA THR A 161 4.24 -10.07 1.65
C THR A 161 3.38 -11.11 0.96
N PRO A 162 3.05 -12.21 1.65
CA PRO A 162 2.13 -13.17 1.07
C PRO A 162 0.81 -12.56 0.61
N GLY A 163 0.34 -11.56 1.35
CA GLY A 163 -0.96 -10.92 1.08
C GLY A 163 -0.91 -9.65 0.25
N SER A 164 0.25 -9.36 -0.33
CA SER A 164 0.40 -8.12 -1.14
C SER A 164 -0.69 -8.08 -2.24
N THR A 165 -1.33 -6.91 -2.38
CA THR A 165 -2.48 -6.77 -3.30
C THR A 165 -2.30 -5.49 -4.13
N ALA A 166 -2.64 -5.58 -5.42
CA ALA A 166 -2.87 -4.38 -6.24
C ALA A 166 -4.37 -4.10 -6.23
N TRP A 167 -4.75 -2.83 -6.07
CA TRP A 167 -6.15 -2.43 -6.10
C TRP A 167 -6.40 -1.61 -7.35
N THR A 168 -7.46 -1.90 -8.09
CA THR A 168 -7.79 -1.15 -9.32
C THR A 168 -9.21 -0.59 -9.27
N TRP A 169 -9.37 0.60 -9.87
CA TRP A 169 -10.70 1.21 -9.97
C TRP A 169 -10.65 2.19 -11.11
N THR A 170 -11.83 2.56 -11.60
CA THR A 170 -11.92 3.53 -12.70
C THR A 170 -12.56 4.80 -12.15
N ASP A 171 -11.78 5.88 -12.21
CA ASP A 171 -12.26 7.20 -11.85
C ASP A 171 -12.45 7.94 -13.18
N THR A 172 -12.64 9.25 -13.11
CA THR A 172 -12.74 10.08 -14.30
C THR A 172 -11.80 11.27 -14.17
N ARG A 173 -11.40 11.80 -15.32
CA ARG A 173 -10.72 13.09 -15.43
C ARG A 173 -11.08 13.67 -16.79
N ASN A 174 -11.45 14.94 -16.81
CA ASN A 174 -11.74 15.65 -18.07
C ASN A 174 -12.80 14.93 -18.90
N GLY A 175 -13.82 14.40 -18.22
CA GLY A 175 -14.88 13.64 -18.89
C GLY A 175 -14.48 12.27 -19.40
N LYS A 176 -13.23 11.87 -19.14
CA LYS A 176 -12.72 10.61 -19.63
C LYS A 176 -12.44 9.64 -18.47
N PRO A 177 -12.66 8.33 -18.71
CA PRO A 177 -12.34 7.35 -17.68
C PRO A 177 -10.84 7.27 -17.47
N VAL A 178 -10.43 7.04 -16.24
CA VAL A 178 -9.03 6.81 -15.95
C VAL A 178 -8.95 5.55 -15.10
N ARG A 179 -8.35 4.51 -15.66
CA ARG A 179 -8.23 3.24 -14.94
C ARG A 179 -7.00 3.38 -14.08
N ILE A 180 -7.23 3.51 -12.78
CA ILE A 180 -6.15 3.68 -11.81
C ILE A 180 -5.70 2.32 -11.24
N ALA A 181 -4.39 2.09 -11.24
CA ALA A 181 -3.84 0.87 -10.63
C ALA A 181 -2.95 1.27 -9.47
N TYR A 182 -3.33 0.82 -8.28
CA TYR A 182 -2.50 1.00 -7.10
C TYR A 182 -1.78 -0.31 -6.81
N ALA A 183 -0.55 -0.43 -7.30
CA ALA A 183 0.21 -1.68 -7.25
C ALA A 183 1.08 -1.70 -6.02
N ASP A 184 1.08 -2.81 -5.31
CA ASP A 184 1.94 -2.94 -4.14
C ASP A 184 3.42 -2.99 -4.50
N SER A 185 4.25 -2.82 -3.47
CA SER A 185 5.68 -3.01 -3.58
C SER A 185 6.07 -4.37 -4.14
N LEU A 186 7.09 -4.36 -5.00
CA LEU A 186 7.69 -5.58 -5.54
C LEU A 186 9.13 -5.69 -5.06
N SER A 187 9.52 -4.86 -3.82
CA SER A 187 10.83 -4.92 -3.21
C SER A 187 10.92 -6.21 -2.40
N ALA A 188 12.16 -6.59 -2.09
CA ALA A 188 12.42 -7.73 -1.21
C ALA A 188 13.57 -7.32 -0.29
N PRO A 189 13.34 -6.30 0.56
CA PRO A 189 14.45 -5.66 1.28
C PRO A 189 15.10 -6.57 2.35
N GLY A 190 16.31 -7.02 2.07
CA GLY A 190 17.04 -7.91 2.97
C GLY A 190 16.52 -9.34 3.02
N TYR A 191 15.61 -9.68 2.10
CA TYR A 191 14.99 -11.00 2.12
C TYR A 191 15.95 -12.07 1.63
N GLN A 192 15.89 -13.24 2.26
CA GLN A 192 16.41 -14.46 1.64
C GLN A 192 15.40 -14.96 0.61
N LEU A 193 15.80 -14.96 -0.65
CA LEU A 193 14.87 -15.29 -1.74
C LEU A 193 14.81 -16.79 -2.03
N GLN A 194 15.98 -17.43 -2.08
CA GLN A 194 16.05 -18.86 -2.43
C GLN A 194 16.08 -19.74 -1.19
N GLY A 195 15.31 -20.82 -1.23
CA GLY A 195 15.34 -21.82 -0.15
C GLY A 195 14.98 -21.26 1.21
N ASN A 196 14.03 -20.32 1.21
CA ASN A 196 13.60 -19.69 2.44
C ASN A 196 12.55 -20.60 3.08
N PRO A 197 12.87 -21.21 4.24
CA PRO A 197 11.93 -22.18 4.82
C PRO A 197 10.57 -21.58 5.19
N ARG A 198 10.54 -20.28 5.48
CA ARG A 198 9.26 -19.60 5.79
C ARG A 198 8.48 -19.19 4.53
N TYR A 199 9.13 -19.21 3.38
CA TYR A 199 8.47 -18.88 2.13
C TYR A 199 9.07 -19.67 0.96
N PRO A 200 8.80 -20.99 0.92
CA PRO A 200 9.48 -21.87 -0.05
C PRO A 200 9.27 -21.50 -1.51
N HIS A 201 8.10 -20.97 -1.86
CA HIS A 201 7.79 -20.62 -3.25
C HIS A 201 7.87 -19.12 -3.52
N LEU A 202 8.69 -18.43 -2.76
CA LEU A 202 8.84 -16.98 -2.86
C LEU A 202 9.14 -16.54 -4.28
N ILE A 203 10.09 -17.20 -4.93
CA ILE A 203 10.51 -16.76 -6.26
C ILE A 203 9.38 -16.92 -7.27
N GLU A 204 8.71 -18.07 -7.23
CA GLU A 204 7.59 -18.32 -8.17
C GLU A 204 6.48 -17.30 -7.97
N ASP A 205 6.23 -16.94 -6.71
CA ASP A 205 5.19 -15.95 -6.40
C ASP A 205 5.57 -14.56 -6.94
N TYR A 206 6.80 -14.13 -6.72
CA TYR A 206 7.24 -12.84 -7.31
C TYR A 206 7.10 -12.85 -8.83
N ARG A 207 7.52 -13.95 -9.49
CA ARG A 207 7.44 -14.02 -10.94
C ARG A 207 6.02 -13.88 -11.43
N ARG A 208 5.09 -14.55 -10.75
CA ARG A 208 3.67 -14.49 -11.09
C ARG A 208 3.20 -13.05 -10.87
N SER A 209 3.69 -12.44 -9.79
CA SER A 209 3.27 -11.08 -9.45
C SER A 209 3.76 -10.04 -10.46
N PHE A 210 4.97 -10.22 -10.99
CA PHE A 210 5.44 -9.35 -12.09
C PHE A 210 4.46 -9.41 -13.28
N ALA A 211 4.00 -10.61 -13.61
CA ALA A 211 3.07 -10.82 -14.71
C ALA A 211 1.72 -10.18 -14.40
N THR A 212 1.25 -10.33 -13.16
CA THR A 212 0.00 -9.71 -12.73
C THR A 212 0.06 -8.19 -12.87
N VAL A 213 1.16 -7.60 -12.40
CA VAL A 213 1.28 -6.14 -12.41
C VAL A 213 1.32 -5.64 -13.86
N ARG A 214 2.10 -6.33 -14.69
CA ARG A 214 2.27 -6.07 -16.13
C ARG A 214 0.90 -5.92 -16.81
N ALA A 215 -0.04 -6.75 -16.39
CA ALA A 215 -1.30 -6.89 -17.08
C ALA A 215 -2.48 -6.13 -16.44
N LEU A 216 -2.22 -5.31 -15.41
CA LEU A 216 -3.31 -4.56 -14.76
C LEU A 216 -3.93 -3.54 -15.70
N PRO A 217 -5.24 -3.27 -15.54
CA PRO A 217 -5.85 -2.11 -16.22
C PRO A 217 -5.17 -0.90 -15.62
N CYS A 218 -4.51 -0.09 -16.45
CA CYS A 218 -3.52 0.81 -15.88
C CYS A 218 -3.26 2.08 -16.68
N ASP A 219 -4.25 2.95 -16.77
CA ASP A 219 -4.01 4.28 -17.36
C ASP A 219 -3.04 5.08 -16.48
N VAL A 220 -3.15 4.90 -15.16
CA VAL A 220 -2.30 5.61 -14.22
C VAL A 220 -1.89 4.63 -13.13
N LEU A 221 -0.59 4.52 -12.91
CA LEU A 221 -0.05 3.69 -11.82
C LEU A 221 0.29 4.55 -10.65
N LEU A 222 -0.16 4.13 -9.46
CA LEU A 222 0.33 4.66 -8.21
C LEU A 222 0.91 3.52 -7.36
N THR A 223 1.85 3.86 -6.49
CA THR A 223 2.52 2.87 -5.63
C THR A 223 2.63 3.37 -4.18
N PRO A 224 2.68 2.44 -3.20
CA PRO A 224 2.80 2.82 -1.78
C PRO A 224 3.95 3.76 -1.49
N HIS A 225 5.09 3.54 -2.15
CA HIS A 225 6.14 4.55 -2.19
C HIS A 225 6.09 5.23 -3.56
N PRO A 226 5.79 6.54 -3.60
CA PRO A 226 5.64 7.21 -4.90
C PRO A 226 6.85 7.00 -5.82
N GLY A 227 8.04 6.99 -5.24
CA GLY A 227 9.28 6.83 -6.00
C GLY A 227 9.38 5.54 -6.80
N ALA A 228 8.73 4.49 -6.31
CA ALA A 228 8.67 3.19 -7.00
C ALA A 228 8.10 3.31 -8.41
N SER A 229 7.13 4.20 -8.59
CA SER A 229 6.46 4.41 -9.87
C SER A 229 6.84 5.76 -10.50
N ASN A 230 7.83 6.40 -9.90
CA ASN A 230 8.30 7.73 -10.32
C ASN A 230 7.36 8.90 -10.18
N TRP A 231 6.46 8.80 -9.22
CA TRP A 231 5.66 9.93 -8.78
C TRP A 231 6.55 10.80 -7.91
N ASP A 232 6.26 12.10 -7.93
CA ASP A 232 6.90 13.02 -7.01
C ASP A 232 5.79 13.88 -6.43
N TYR A 233 5.31 13.53 -5.26
CA TYR A 233 4.16 14.23 -4.70
C TYR A 233 4.48 15.68 -4.32
N ALA A 234 5.75 16.03 -4.30
CA ALA A 234 6.15 17.42 -4.00
C ALA A 234 6.16 18.29 -5.26
N ALA A 235 5.91 17.69 -6.43
CA ALA A 235 6.12 18.37 -7.73
C ALA A 235 4.89 19.04 -8.33
N GLY A 236 3.84 19.18 -7.53
CA GLY A 236 2.63 19.90 -7.89
C GLY A 236 1.98 19.39 -9.16
N ALA A 237 1.86 20.26 -10.16
CA ALA A 237 1.21 19.91 -11.42
C ALA A 237 1.96 18.83 -12.22
N ARG A 238 3.24 18.65 -11.93
CA ARG A 238 4.06 17.67 -12.65
C ARG A 238 4.14 16.35 -11.87
N ALA A 239 3.24 16.35 -10.41
CA ALA A 239 3.51 15.18 -9.55
C ALA A 239 3.56 13.85 -10.32
N GLY A 240 2.63 13.64 -11.24
CA GLY A 240 2.51 12.35 -11.92
C GLY A 240 3.09 12.28 -13.32
N ALA A 241 3.78 13.33 -13.74
CA ALA A 241 4.25 13.41 -15.14
C ALA A 241 5.16 12.25 -15.52
N LYS A 242 6.11 11.94 -14.65
CA LYS A 242 7.16 10.95 -14.92
C LYS A 242 6.73 9.53 -14.56
N ALA A 243 5.47 9.38 -14.14
CA ALA A 243 5.01 8.06 -13.67
C ALA A 243 5.22 6.93 -14.69
N LEU A 244 5.72 5.81 -14.19
CA LEU A 244 5.86 4.58 -14.97
C LEU A 244 4.50 3.99 -15.32
N THR A 245 4.45 3.28 -16.44
CA THR A 245 3.32 2.40 -16.72
C THR A 245 3.43 1.21 -15.75
N CYS A 246 2.35 0.45 -15.60
CA CYS A 246 2.42 -0.82 -14.87
C CYS A 246 3.44 -1.78 -15.51
N LYS A 247 3.43 -1.85 -16.84
CA LYS A 247 4.42 -2.66 -17.59
C LYS A 247 5.86 -2.33 -17.22
N ALA A 248 6.20 -1.04 -17.20
CA ALA A 248 7.59 -0.63 -16.89
C ALA A 248 7.94 -0.85 -15.43
N TYR A 249 6.97 -0.63 -14.55
CA TYR A 249 7.15 -0.88 -13.12
C TYR A 249 7.47 -2.37 -12.89
N ALA A 250 6.68 -3.25 -13.51
CA ALA A 250 6.87 -4.69 -13.38
C ALA A 250 8.23 -5.10 -13.92
N ASP A 251 8.60 -4.54 -15.07
CA ASP A 251 9.87 -4.89 -15.67
C ASP A 251 11.05 -4.43 -14.84
N ALA A 252 11.01 -3.19 -14.34
CA ALA A 252 12.09 -2.68 -13.53
C ALA A 252 12.19 -3.49 -12.25
N ALA A 253 11.04 -3.84 -11.67
CA ALA A 253 11.06 -4.61 -10.42
C ALA A 253 11.63 -6.01 -10.64
N GLU A 254 11.31 -6.61 -11.79
CA GLU A 254 11.83 -7.95 -12.13
C GLU A 254 13.34 -7.92 -12.39
N GLN A 255 13.79 -6.91 -13.12
CA GLN A 255 15.22 -6.70 -13.33
C GLN A 255 15.99 -6.54 -12.02
N LYS A 256 15.45 -5.75 -11.10
CA LYS A 256 16.04 -5.57 -9.78
C LYS A 256 16.06 -6.92 -9.02
N PHE A 257 14.94 -7.63 -9.07
CA PHE A 257 14.78 -8.92 -8.40
C PHE A 257 15.82 -9.94 -8.93
N ASP A 258 15.92 -10.06 -10.26
CA ASP A 258 16.93 -10.91 -10.91
C ASP A 258 18.35 -10.59 -10.43
N GLY A 259 18.65 -9.29 -10.31
CA GLY A 259 19.93 -8.84 -9.79
C GLY A 259 20.16 -9.28 -8.36
N GLN A 260 19.12 -9.13 -7.54
CA GLN A 260 19.19 -9.53 -6.14
C GLN A 260 19.39 -11.05 -6.05
N LEU A 261 18.65 -11.81 -6.86
CA LEU A 261 18.81 -13.27 -6.90
C LEU A 261 20.24 -13.68 -7.27
N ALA A 262 20.82 -12.98 -8.26
CA ALA A 262 22.18 -13.26 -8.70
C ALA A 262 23.17 -12.93 -7.57
N LYS A 263 22.96 -11.83 -6.86
CA LYS A 263 23.84 -11.39 -5.78
C LYS A 263 23.71 -12.33 -4.57
N GLU A 264 22.51 -12.86 -4.37
CA GLU A 264 22.28 -13.78 -3.27
C GLU A 264 23.02 -15.08 -3.53
N THR A 265 22.94 -15.56 -4.78
CA THR A 265 23.67 -16.76 -5.21
C THR A 265 25.18 -16.55 -5.03
N ALA A 266 25.64 -15.35 -5.37
CA ALA A 266 27.04 -14.99 -5.21
C ALA A 266 27.42 -14.79 -3.74
N GLY A 267 26.44 -14.50 -2.90
CA GLY A 267 26.71 -14.16 -1.50
C GLY A 267 26.94 -15.39 -0.63
ZN ZN B . 6.61 -3.94 3.29
ZN ZN C . 6.87 0.51 2.37
S SO4 D . -19.74 -5.41 -2.93
O1 SO4 D . -19.54 -6.83 -2.64
O2 SO4 D . -19.01 -4.59 -1.99
O3 SO4 D . -19.31 -5.13 -4.30
O4 SO4 D . -21.16 -5.10 -2.74
S SO4 E . -13.70 19.20 -4.65
O1 SO4 E . -14.28 17.98 -4.10
O2 SO4 E . -13.46 20.17 -3.58
O3 SO4 E . -12.46 18.87 -5.34
O4 SO4 E . -14.62 19.79 -5.62
N14 L13 F . 9.84 0.07 3.84
N5 L13 F . 9.21 -1.07 4.11
C1 L13 F . 8.43 -1.77 3.30
S6 L13 F . 7.94 -1.35 1.66
N2 L13 F . 7.96 -2.86 3.92
N3 L13 F . 8.55 -2.80 5.22
C4 L13 F . 9.33 -1.68 5.28
C7 L13 F . 10.12 -1.14 6.41
C12 L13 F . 9.40 -0.30 7.27
C11 L13 F . 10.03 0.30 8.36
C10 L13 F . 11.39 0.07 8.55
C9 L13 F . 12.11 -0.75 7.67
C8 L13 F . 11.47 -1.34 6.58
C13 L13 F . 12.27 -2.22 5.64
N14 L13 G . -15.64 6.38 16.02
N5 L13 G . -16.61 5.96 15.21
C1 L13 G . -17.18 6.66 14.24
S6 L13 G . -16.75 8.32 13.80
N2 L13 G . -18.13 5.96 13.61
N3 L13 G . -18.11 4.71 14.28
C4 L13 G . -17.17 4.76 15.27
C7 L13 G . -16.80 3.65 16.19
C12 L13 G . -15.45 3.24 16.17
C11 L13 G . -15.05 2.19 16.98
C10 L13 G . -15.98 1.55 17.79
C9 L13 G . -17.32 1.95 17.81
C8 L13 G . -17.75 3.00 16.99
C13 L13 G . -19.19 3.42 17.01
#